data_5ULC
#
_entry.id   5ULC
#
_cell.length_a   37.603
_cell.length_b   88.265
_cell.length_c   106.493
_cell.angle_alpha   90.000
_cell.angle_beta   90.000
_cell.angle_gamma   90.000
#
_symmetry.space_group_name_H-M   'I 2 2 2'
#
loop_
_entity.id
_entity.type
_entity.pdbx_description
1 polymer 'Bromodomain protein 1'
2 water water
#
_entity_poly.entity_id   1
_entity_poly.type   'polypeptide(L)'
_entity_poly.pdbx_seq_one_letter_code
;(MSE)HHHHHHSSGRENLYFQGNKQWYLLANQLILSLSKYEGGHIFEKLVDAKKQNCPDYYDVIKNP(MSE)SFSCIKTK
LKKGQYAYPSEFVKDVQLIFDNCSLYNTSNSVVAITGKNIETYFNNQLIV(MSE)GYNNFILKEKKIND(MSE)LKLVEE
ENIKWSKEKEDQIEEIDELENN
;
_entity_poly.pdbx_strand_id   X
#
# COMPACT_ATOMS: atom_id res chain seq x y z
N PHE A 16 24.92 7.07 5.03
CA PHE A 16 23.67 7.44 5.70
C PHE A 16 23.02 6.18 6.38
N GLN A 17 21.67 6.04 6.37
CA GLN A 17 20.99 4.93 7.05
C GLN A 17 20.43 3.86 6.06
N GLY A 18 20.74 3.99 4.77
CA GLY A 18 20.33 3.01 3.77
C GLY A 18 18.84 3.04 3.50
N ASN A 19 18.12 2.00 3.97
CA ASN A 19 16.68 1.89 3.75
C ASN A 19 15.86 2.04 5.05
N LYS A 20 16.52 2.26 6.21
CA LYS A 20 15.81 2.34 7.50
C LYS A 20 14.85 3.53 7.58
N GLN A 21 15.21 4.68 7.00
CA GLN A 21 14.35 5.87 7.12
C GLN A 21 13.02 5.64 6.41
N TRP A 22 13.03 5.16 5.13
CA TRP A 22 11.77 4.93 4.43
C TRP A 22 10.99 3.73 5.03
N TYR A 23 11.69 2.77 5.67
CA TYR A 23 11.00 1.66 6.37
C TYR A 23 10.18 2.22 7.54
N LEU A 24 10.78 3.13 8.32
CA LEU A 24 10.12 3.73 9.49
C LEU A 24 8.94 4.65 9.07
N LEU A 25 9.05 5.36 7.93
CA LEU A 25 7.92 6.15 7.41
C LEU A 25 6.83 5.22 6.92
N ALA A 26 7.20 4.14 6.18
CA ALA A 26 6.24 3.15 5.69
C ALA A 26 5.45 2.53 6.86
N ASN A 27 6.14 2.24 7.98
CA ASN A 27 5.48 1.69 9.16
C ASN A 27 4.54 2.73 9.81
N GLN A 28 4.94 4.01 9.86
CA GLN A 28 4.07 5.05 10.42
C GLN A 28 2.86 5.29 9.50
N LEU A 29 3.06 5.08 8.20
CA LEU A 29 2.04 5.27 7.19
C LEU A 29 1.00 4.11 7.21
N ILE A 30 1.45 2.84 7.36
CA ILE A 30 0.50 1.71 7.42
C ILE A 30 -0.29 1.75 8.76
N LEU A 31 0.30 2.28 9.85
CA LEU A 31 -0.40 2.41 11.13
C LEU A 31 -1.49 3.48 11.06
N SER A 32 -1.24 4.58 10.31
CA SER A 32 -2.24 5.64 10.15
C SER A 32 -3.43 5.13 9.30
N LEU A 33 -3.19 4.24 8.30
CA LEU A 33 -4.29 3.67 7.50
C LEU A 33 -5.16 2.77 8.35
N SER A 34 -4.54 1.91 9.19
CA SER A 34 -5.27 1.04 10.12
C SER A 34 -6.16 1.86 11.06
N LYS A 35 -5.67 3.02 11.54
CA LYS A 35 -6.41 3.90 12.46
C LYS A 35 -7.48 4.75 11.74
N TYR A 36 -7.29 5.06 10.44
CA TYR A 36 -8.23 5.92 9.69
C TYR A 36 -9.63 5.30 9.62
N GLU A 37 -10.68 6.16 9.52
CA GLU A 37 -12.09 5.75 9.49
C GLU A 37 -12.36 4.67 8.41
N GLY A 38 -12.81 3.50 8.86
CA GLY A 38 -13.12 2.38 7.97
C GLY A 38 -11.92 1.62 7.45
N GLY A 39 -10.75 1.83 8.07
CA GLY A 39 -9.53 1.13 7.69
C GLY A 39 -9.51 -0.33 8.13
N HIS A 40 -10.28 -0.64 9.19
CA HIS A 40 -10.43 -2.01 9.73
C HIS A 40 -10.95 -2.99 8.66
N ILE A 41 -11.65 -2.49 7.63
CA ILE A 41 -12.17 -3.32 6.53
C ILE A 41 -11.00 -3.93 5.70
N PHE A 42 -9.82 -3.26 5.69
CA PHE A 42 -8.66 -3.71 4.90
C PHE A 42 -7.53 -4.28 5.78
N GLU A 43 -7.78 -4.51 7.08
CA GLU A 43 -6.73 -4.97 8.00
C GLU A 43 -6.34 -6.42 7.77
N LYS A 44 -7.34 -7.32 7.65
CA LYS A 44 -7.10 -8.76 7.47
C LYS A 44 -7.74 -9.26 6.17
N LEU A 45 -7.30 -10.43 5.70
CA LEU A 45 -7.86 -11.07 4.51
C LEU A 45 -9.13 -11.81 4.90
N VAL A 46 -10.18 -11.74 4.05
CA VAL A 46 -11.46 -12.41 4.34
C VAL A 46 -11.33 -13.91 4.06
N ASP A 47 -11.50 -14.74 5.12
CA ASP A 47 -11.39 -16.21 5.00
C ASP A 47 -12.78 -16.82 4.75
N CYS A 53 -14.91 -24.73 -3.12
CA CYS A 53 -15.41 -24.44 -4.47
C CYS A 53 -15.81 -22.95 -4.57
N PRO A 54 -14.83 -22.04 -4.69
CA PRO A 54 -15.17 -20.62 -4.80
C PRO A 54 -15.62 -20.24 -6.21
N ASP A 55 -16.42 -19.17 -6.34
CA ASP A 55 -16.88 -18.70 -7.64
C ASP A 55 -15.71 -18.03 -8.37
N TYR A 56 -15.48 -18.41 -9.64
CA TYR A 56 -14.39 -17.90 -10.46
C TYR A 56 -14.20 -16.38 -10.33
N TYR A 57 -15.28 -15.61 -10.47
CA TYR A 57 -15.22 -14.13 -10.42
C TYR A 57 -14.84 -13.59 -9.01
N ASP A 58 -14.96 -14.41 -7.93
CA ASP A 58 -14.58 -13.97 -6.58
C ASP A 58 -13.12 -14.28 -6.26
N VAL A 59 -12.42 -15.03 -7.12
CA VAL A 59 -11.01 -15.35 -6.89
C VAL A 59 -10.17 -14.08 -7.09
N ILE A 60 -9.33 -13.73 -6.11
CA ILE A 60 -8.50 -12.53 -6.20
C ILE A 60 -7.12 -12.93 -6.75
N LYS A 61 -6.69 -12.26 -7.84
CA LYS A 61 -5.41 -12.54 -8.51
C LYS A 61 -4.25 -12.32 -7.54
N ASN A 62 -4.24 -11.16 -6.85
CA ASN A 62 -3.20 -10.83 -5.88
C ASN A 62 -3.84 -10.30 -4.58
N PRO A 63 -4.21 -11.19 -3.63
CA PRO A 63 -4.77 -10.70 -2.35
C PRO A 63 -3.77 -9.86 -1.57
N MSE A 64 -4.27 -8.89 -0.79
CA MSE A 64 -3.42 -8.04 0.02
C MSE A 64 -4.21 -7.42 1.15
O MSE A 64 -5.41 -7.18 0.99
CB MSE A 64 -2.78 -6.94 -0.86
CG MSE A 64 -1.67 -6.16 -0.14
SE MSE A 64 -0.19 -7.22 0.54
CE MSE A 64 0.53 -7.82 -1.15
N SER A 65 -3.56 -7.20 2.30
CA SER A 65 -4.19 -6.58 3.47
C SER A 65 -3.12 -5.78 4.23
N PHE A 66 -3.54 -4.90 5.17
CA PHE A 66 -2.57 -4.12 5.95
C PHE A 66 -1.69 -5.05 6.83
N SER A 67 -2.26 -6.16 7.35
CA SER A 67 -1.49 -7.13 8.14
C SER A 67 -0.35 -7.75 7.32
N CYS A 68 -0.62 -8.09 6.03
CA CYS A 68 0.41 -8.66 5.14
CA CYS A 68 0.42 -8.67 5.17
C CYS A 68 1.54 -7.65 4.94
N ILE A 69 1.19 -6.37 4.75
CA ILE A 69 2.17 -5.30 4.53
C ILE A 69 3.00 -5.10 5.81
N LYS A 70 2.34 -5.09 6.99
CA LYS A 70 3.05 -4.96 8.28
C LYS A 70 4.06 -6.12 8.47
N THR A 71 3.69 -7.33 8.04
CA THR A 71 4.55 -8.51 8.19
C THR A 71 5.80 -8.37 7.31
N LYS A 72 5.65 -7.87 6.06
CA LYS A 72 6.80 -7.65 5.18
C LYS A 72 7.74 -6.59 5.78
N LEU A 73 7.17 -5.53 6.40
CA LEU A 73 7.97 -4.49 7.05
C LEU A 73 8.73 -5.07 8.24
N LYS A 74 8.06 -5.85 9.10
CA LYS A 74 8.70 -6.48 10.28
C LYS A 74 9.80 -7.48 9.87
N LYS A 75 9.57 -8.21 8.77
CA LYS A 75 10.52 -9.23 8.27
C LYS A 75 11.67 -8.61 7.42
N GLY A 76 11.46 -7.40 6.91
CA GLY A 76 12.45 -6.73 6.07
C GLY A 76 12.43 -7.27 4.64
N GLN A 77 11.22 -7.55 4.09
CA GLN A 77 11.08 -8.12 2.74
C GLN A 77 11.05 -7.07 1.61
N TYR A 78 10.82 -5.79 1.91
CA TYR A 78 10.81 -4.77 0.86
C TYR A 78 12.23 -4.34 0.54
N ALA A 79 12.60 -4.30 -0.73
CA ALA A 79 13.93 -3.86 -1.15
C ALA A 79 13.92 -2.39 -1.57
N TYR A 80 12.76 -1.86 -2.02
CA TYR A 80 12.67 -0.48 -2.49
C TYR A 80 11.41 0.24 -1.96
N PRO A 81 11.45 1.59 -1.80
CA PRO A 81 10.26 2.31 -1.30
C PRO A 81 8.99 2.08 -2.14
N SER A 82 9.14 2.00 -3.48
CA SER A 82 8.00 1.79 -4.40
C SER A 82 7.28 0.45 -4.15
N GLU A 83 7.98 -0.56 -3.63
CA GLU A 83 7.36 -1.86 -3.40
C GLU A 83 6.31 -1.79 -2.30
N PHE A 84 6.54 -0.96 -1.26
CA PHE A 84 5.55 -0.77 -0.19
C PHE A 84 4.30 -0.09 -0.78
N VAL A 85 4.49 0.96 -1.60
CA VAL A 85 3.38 1.72 -2.21
C VAL A 85 2.54 0.83 -3.14
N LYS A 86 3.17 -0.02 -3.96
N LYS A 86 3.17 -0.02 -3.96
CA LYS A 86 2.44 -0.89 -4.89
CA LYS A 86 2.44 -0.89 -4.89
C LYS A 86 1.55 -1.89 -4.14
C LYS A 86 1.55 -1.89 -4.14
N ASP A 87 2.01 -2.39 -2.98
CA ASP A 87 1.19 -3.32 -2.15
C ASP A 87 0.00 -2.58 -1.54
N VAL A 88 0.20 -1.32 -1.10
CA VAL A 88 -0.90 -0.53 -0.53
C VAL A 88 -1.90 -0.21 -1.64
N GLN A 89 -1.41 0.28 -2.79
CA GLN A 89 -2.29 0.60 -3.93
C GLN A 89 -3.04 -0.66 -4.44
N LEU A 90 -2.45 -1.87 -4.28
CA LEU A 90 -3.09 -3.13 -4.65
C LEU A 90 -4.39 -3.35 -3.83
N ILE A 91 -4.36 -3.00 -2.53
CA ILE A 91 -5.54 -3.11 -1.66
C ILE A 91 -6.70 -2.27 -2.22
N PHE A 92 -6.39 -1.03 -2.64
CA PHE A 92 -7.41 -0.10 -3.14
C PHE A 92 -7.86 -0.46 -4.54
N ASP A 93 -6.97 -1.01 -5.38
CA ASP A 93 -7.33 -1.48 -6.73
C ASP A 93 -8.27 -2.69 -6.62
N ASN A 94 -7.99 -3.63 -5.69
CA ASN A 94 -8.88 -4.77 -5.44
C ASN A 94 -10.22 -4.28 -4.91
N CYS A 95 -10.19 -3.28 -4.03
CA CYS A 95 -11.42 -2.74 -3.44
C CYS A 95 -12.35 -2.20 -4.52
N SER A 96 -11.84 -1.38 -5.46
CA SER A 96 -12.67 -0.83 -6.53
C SER A 96 -13.07 -1.90 -7.57
N LEU A 97 -12.30 -2.99 -7.68
CA LEU A 97 -12.61 -4.05 -8.63
C LEU A 97 -13.74 -4.96 -8.14
N TYR A 98 -13.69 -5.39 -6.86
CA TYR A 98 -14.64 -6.36 -6.32
C TYR A 98 -15.83 -5.69 -5.61
N ASN A 99 -15.95 -4.34 -5.67
CA ASN A 99 -17.07 -3.63 -5.05
C ASN A 99 -17.63 -2.57 -6.02
N THR A 100 -18.97 -2.48 -6.12
CA THR A 100 -19.64 -1.46 -6.95
C THR A 100 -19.21 -0.05 -6.51
N SER A 101 -19.03 0.87 -7.48
CA SER A 101 -18.56 2.23 -7.19
CA SER A 101 -18.57 2.24 -7.22
C SER A 101 -19.47 2.98 -6.21
N ASN A 102 -20.78 2.63 -6.17
CA ASN A 102 -21.72 3.32 -5.27
C ASN A 102 -21.89 2.60 -3.91
N SER A 103 -21.07 1.59 -3.59
CA SER A 103 -21.20 0.83 -2.33
C SER A 103 -20.41 1.51 -1.21
N VAL A 104 -20.76 1.17 0.04
CA VAL A 104 -20.11 1.74 1.25
C VAL A 104 -18.61 1.39 1.25
N VAL A 105 -18.27 0.13 0.90
CA VAL A 105 -16.86 -0.34 0.91
C VAL A 105 -16.05 0.38 -0.20
N ALA A 106 -16.62 0.58 -1.39
CA ALA A 106 -15.89 1.27 -2.47
C ALA A 106 -15.67 2.76 -2.13
N ILE A 107 -16.64 3.39 -1.46
CA ILE A 107 -16.51 4.80 -1.05
C ILE A 107 -15.44 4.91 0.03
N THR A 108 -15.47 4.00 1.02
CA THR A 108 -14.46 3.94 2.10
C THR A 108 -13.06 3.76 1.50
N GLY A 109 -12.96 2.87 0.52
CA GLY A 109 -11.69 2.58 -0.15
C GLY A 109 -11.10 3.78 -0.88
N LYS A 110 -11.95 4.56 -1.57
CA LYS A 110 -11.49 5.77 -2.28
C LYS A 110 -11.05 6.86 -1.29
N ASN A 111 -11.67 6.90 -0.10
CA ASN A 111 -11.33 7.89 0.93
C ASN A 111 -9.98 7.60 1.55
N ILE A 112 -9.71 6.32 1.91
CA ILE A 112 -8.42 5.92 2.50
C ILE A 112 -7.30 6.01 1.45
N GLU A 113 -7.63 5.78 0.17
CA GLU A 113 -6.67 5.90 -0.93
C GLU A 113 -6.22 7.37 -1.05
N THR A 114 -7.16 8.32 -0.96
CA THR A 114 -6.85 9.76 -1.01
C THR A 114 -6.02 10.15 0.21
N TYR A 115 -6.35 9.58 1.39
CA TYR A 115 -5.61 9.81 2.64
C TYR A 115 -4.17 9.33 2.47
N PHE A 116 -4.00 8.09 1.99
CA PHE A 116 -2.68 7.50 1.75
C PHE A 116 -1.84 8.36 0.77
N ASN A 117 -2.40 8.72 -0.39
CA ASN A 117 -1.68 9.51 -1.40
C ASN A 117 -1.31 10.91 -0.89
N ASN A 118 -2.16 11.51 -0.06
CA ASN A 118 -1.86 12.82 0.51
C ASN A 118 -0.82 12.69 1.63
N GLN A 119 -0.83 11.57 2.38
CA GLN A 119 0.19 11.31 3.40
C GLN A 119 1.58 11.12 2.76
N LEU A 120 1.64 10.56 1.53
CA LEU A 120 2.93 10.39 0.82
C LEU A 120 3.56 11.76 0.52
N ILE A 121 2.72 12.80 0.32
CA ILE A 121 3.18 14.18 0.09
C ILE A 121 3.61 14.81 1.43
N VAL A 122 2.75 14.71 2.47
CA VAL A 122 2.98 15.36 3.77
C VAL A 122 4.20 14.73 4.48
N MSE A 123 4.30 13.39 4.50
CA MSE A 123 5.43 12.70 5.16
C MSE A 123 6.74 12.81 4.34
O MSE A 123 7.81 12.52 4.88
CB MSE A 123 5.11 11.23 5.39
CG MSE A 123 4.02 10.99 6.41
SE MSE A 123 3.92 9.11 6.89
CE MSE A 123 2.40 9.18 8.10
N GLY A 124 6.64 13.19 3.06
CA GLY A 124 7.80 13.29 2.19
C GLY A 124 8.26 11.94 1.68
N TYR A 125 7.34 10.95 1.66
CA TYR A 125 7.66 9.60 1.20
C TYR A 125 7.91 9.56 -0.31
N ASN A 126 7.30 10.47 -1.08
CA ASN A 126 7.49 10.52 -2.53
C ASN A 126 8.92 10.95 -2.91
N ASN A 127 9.66 11.59 -1.99
CA ASN A 127 11.05 11.96 -2.25
C ASN A 127 11.94 10.69 -2.30
N PHE A 128 11.59 9.64 -1.52
CA PHE A 128 12.32 8.37 -1.54
C PHE A 128 12.07 7.61 -2.83
N ILE A 129 10.83 7.69 -3.36
CA ILE A 129 10.49 7.04 -4.64
C ILE A 129 11.19 7.79 -5.78
N LEU A 130 11.32 9.12 -5.68
CA LEU A 130 12.00 9.91 -6.71
C LEU A 130 13.51 9.58 -6.69
N LYS A 131 14.09 9.46 -5.48
CA LYS A 131 15.50 9.11 -5.31
C LYS A 131 15.76 7.66 -5.78
N GLU A 132 14.76 6.77 -5.60
CA GLU A 132 14.84 5.37 -6.03
C GLU A 132 14.90 5.27 -7.57
N LYS A 133 13.98 5.97 -8.27
CA LYS A 133 13.91 5.90 -9.73
C LYS A 133 15.10 6.61 -10.39
N LYS A 134 15.65 7.64 -9.73
CA LYS A 134 16.81 8.37 -10.27
C LYS A 134 18.05 7.46 -10.28
N ILE A 135 18.23 6.66 -9.21
CA ILE A 135 19.37 5.73 -9.10
C ILE A 135 19.17 4.54 -10.04
N ASN A 136 17.98 3.93 -10.07
CA ASN A 136 17.71 2.73 -10.89
C ASN A 136 17.92 3.01 -12.39
N ASP A 137 17.34 4.12 -12.91
CA ASP A 137 17.50 4.47 -14.33
C ASP A 137 18.97 4.85 -14.65
N MSE A 138 19.69 5.46 -13.68
CA MSE A 138 21.10 5.85 -13.87
C MSE A 138 21.98 4.60 -14.01
O MSE A 138 22.88 4.60 -14.84
CB MSE A 138 21.58 6.72 -12.69
CG MSE A 138 23.11 6.94 -12.65
SE MSE A 138 24.12 5.48 -11.79
CE MSE A 138 23.52 5.72 -10.03
N LEU A 139 21.77 3.57 -13.15
CA LEU A 139 22.61 2.35 -13.17
C LEU A 139 22.51 1.61 -14.51
N LYS A 140 21.32 1.58 -15.13
CA LYS A 140 21.11 0.88 -16.42
C LYS A 140 21.83 1.62 -17.56
N LEU A 141 21.75 2.96 -17.59
CA LEU A 141 22.40 3.77 -18.64
C LEU A 141 23.91 3.89 -18.37
N VAL A 142 24.31 3.93 -17.09
CA VAL A 142 25.71 4.07 -16.67
C VAL A 142 26.03 3.14 -15.50
#